data_1EGK
#
_entry.id   1EGK
#
_cell.length_a   62.81
_cell.length_b   114.26
_cell.length_c   171.45
_cell.angle_alpha   90.0
_cell.angle_beta   90.0
_cell.angle_gamma   90.0
#
_symmetry.space_group_name_H-M   'I 2 2 2'
#
loop_
_entity.id
_entity.type
_entity.pdbx_description
1 polymer "RNA (5'-R(*AP*GP*GP*AP*GP*AP*GP*AP*GP*AP*UP*GP*GP*GP*UP*GP*CP*GP*AP*G)-3')"
2 polymer '10-23 DNA ENZYME'
3 non-polymer 'MAGNESIUM ION'
4 water water
#
loop_
_entity_poly.entity_id
_entity_poly.type
_entity_poly.pdbx_seq_one_letter_code
_entity_poly.pdbx_strand_id
1 'polyribonucleotide' AGGAGAGAGAUGGGUGCGAG A,C
2 'polydeoxyribonucleotide'
;(DC)(DT)(DC)(DG)(DC)(DA)(DC)(DC)(DC)(DA)(DG)(DG)(DC)(DT)(DA)(DG)(DC)(DT)(DA)(DC)
(DA)(DA)(DC)(DG)(DA)(DC)(DT)(DC)(DT)(DC)(DT)(DC)(DC)(DT)
;
B,D
#